data_8WJC
#
_entry.id   8WJC
#
_cell.length_a   50.200
_cell.length_b   81.550
_cell.length_c   50.380
_cell.angle_alpha   90.00
_cell.angle_beta   102.25
_cell.angle_gamma   90.00
#
_symmetry.space_group_name_H-M   'P 1 21 1'
#
loop_
_entity.id
_entity.type
_entity.pdbx_description
1 polymer 'Inhibitor of Type II CRISPR-Cas system'
2 non-polymer "2-amino-9-[(2R,3R,3aS,5R,7aR,9R,10R,10aS,12R,14aR)-9-(6-amino-9H-purin-9-yl)-3,5,10,12-tetrahydroxy-5,12-dioxidooctahydro-2H,7H-difuro[3,2-d:3',2'-j][1,3,7,9,2,8]tetraoxadiphosphacyclododecin-2-yl]-1,9-dihydro-6H-purin-6-one"
3 water water
#
_entity_poly.entity_id   1
_entity_poly.type   'polypeptide(L)'
_entity_poly.pdbx_seq_one_letter_code
;SMTFGQALESLKRGHLVARKGWNGKGMFIFMRPEDSLPTNMIVNQVKSLPESFKRWVANNHGDSETDRIKFTAYLCMKAA
DGTIVNGWLASQTDMLANDWVIVE
;
_entity_poly.pdbx_strand_id   A,B,C,D
#
# COMPACT_ATOMS: atom_id res chain seq x y z
N SER A 1 13.03 15.83 9.56
CA SER A 1 12.62 16.96 10.37
C SER A 1 11.09 17.06 10.53
N MET A 2 10.32 16.58 9.56
CA MET A 2 8.86 16.67 9.59
C MET A 2 8.26 15.27 9.71
N THR A 3 7.05 15.19 10.26
CA THR A 3 6.35 13.91 10.27
C THR A 3 5.66 13.68 8.93
N PHE A 4 5.15 12.45 8.74
CA PHE A 4 4.47 12.15 7.48
C PHE A 4 3.21 12.98 7.32
N GLY A 5 2.55 13.32 8.42
CA GLY A 5 1.36 14.13 8.31
C GLY A 5 1.66 15.55 7.87
N GLN A 6 2.77 16.12 8.35
CA GLN A 6 3.16 17.45 7.88
C GLN A 6 3.53 17.41 6.40
N ALA A 7 4.26 16.38 5.99
CA ALA A 7 4.52 16.20 4.57
C ALA A 7 3.22 16.12 3.77
N LEU A 8 2.24 15.36 4.26
CA LEU A 8 0.95 15.25 3.59
C LEU A 8 0.30 16.63 3.44
N GLU A 9 0.30 17.44 4.52
CA GLU A 9 -0.24 18.79 4.38
C GLU A 9 0.55 19.62 3.38
N SER A 10 1.86 19.39 3.27
CA SER A 10 2.62 20.11 2.25
C SER A 10 2.29 19.60 0.85
N LEU A 11 2.01 18.30 0.72
CA LEU A 11 1.65 17.73 -0.58
C LEU A 11 0.33 18.28 -1.06
N LYS A 12 -0.64 18.39 -0.15
CA LYS A 12 -1.95 18.90 -0.51
C LYS A 12 -1.92 20.35 -0.94
N ARG A 13 -0.90 21.11 -0.53
CA ARG A 13 -0.75 22.47 -1.03
C ARG A 13 -0.06 22.54 -2.39
N GLY A 14 0.45 21.40 -2.89
CA GLY A 14 1.09 21.36 -4.19
C GLY A 14 2.60 21.33 -4.16
N HIS A 15 3.21 21.12 -3.02
CA HIS A 15 4.66 21.07 -2.90
C HIS A 15 5.19 19.65 -3.15
N LEU A 16 6.50 19.59 -3.40
CA LEU A 16 7.26 18.35 -3.52
C LEU A 16 7.98 18.05 -2.21
N VAL A 17 7.80 16.82 -1.70
CA VAL A 17 8.38 16.41 -0.42
C VAL A 17 9.24 15.16 -0.63
N ALA A 18 10.03 14.83 0.41
CA ALA A 18 10.91 13.66 0.34
C ALA A 18 11.44 13.31 1.73
N ARG A 19 11.79 12.04 1.89
CA ARG A 19 12.54 11.64 3.07
C ARG A 19 14.03 11.91 2.82
N LYS A 20 14.78 12.07 3.91
CA LYS A 20 16.22 12.37 3.79
C LYS A 20 17.02 11.28 3.09
N GLY A 21 16.62 10.02 3.26
CA GLY A 21 17.30 8.92 2.59
C GLY A 21 17.16 9.00 1.09
N TRP A 22 16.02 9.48 0.62
CA TRP A 22 15.77 9.58 -0.80
C TRP A 22 16.66 10.56 -1.48
N ASN A 23 17.25 11.50 -0.76
CA ASN A 23 18.04 12.56 -1.38
C ASN A 23 19.23 12.07 -2.20
N GLY A 24 19.91 11.03 -1.72
CA GLY A 24 21.03 10.48 -2.46
C GLY A 24 20.58 9.95 -3.80
N LYS A 25 19.41 9.33 -3.84
CA LYS A 25 18.87 8.81 -5.09
C LYS A 25 17.97 9.84 -5.77
N GLY A 26 17.83 11.03 -5.20
CA GLY A 26 17.03 12.09 -5.79
C GLY A 26 15.54 11.83 -6.04
N MET A 27 14.90 11.09 -5.16
CA MET A 27 13.49 10.76 -5.35
C MET A 27 12.58 11.71 -4.60
N PHE A 28 11.43 12.06 -5.18
CA PHE A 28 10.49 12.88 -4.40
C PHE A 28 9.07 12.51 -4.77
N ILE A 29 8.11 12.95 -3.96
CA ILE A 29 6.73 12.66 -4.27
C ILE A 29 5.96 13.97 -4.37
N PHE A 30 4.83 13.91 -5.09
CA PHE A 30 3.97 15.06 -5.33
C PHE A 30 2.57 14.54 -5.50
N MET A 31 1.59 15.44 -5.46
CA MET A 31 0.19 15.05 -5.52
C MET A 31 -0.36 15.43 -6.88
N ARG A 32 -1.06 14.49 -7.51
CA ARG A 32 -1.86 14.83 -8.69
C ARG A 32 -3.28 15.19 -8.27
N PRO A 33 -3.78 16.35 -8.69
CA PRO A 33 -5.06 16.85 -8.17
C PRO A 33 -6.25 16.02 -8.62
N GLU A 34 -7.30 16.06 -7.82
CA GLU A 34 -8.60 15.50 -8.18
C GLU A 34 -9.20 16.25 -9.37
N ASP A 35 -10.05 15.56 -10.14
CA ASP A 35 -10.81 16.23 -11.20
C ASP A 35 -12.14 15.52 -11.41
N SER A 36 -13.07 16.22 -12.04
CA SER A 36 -14.37 15.65 -12.40
C SER A 36 -14.52 15.73 -13.91
N LEU A 37 -14.81 14.59 -14.53
CA LEU A 37 -14.81 14.52 -15.98
C LEU A 37 -16.17 14.10 -16.50
N PRO A 38 -16.66 14.73 -17.56
CA PRO A 38 -17.94 14.28 -18.14
C PRO A 38 -17.79 12.94 -18.83
N THR A 39 -18.86 12.13 -18.80
CA THR A 39 -18.75 10.77 -19.30
C THR A 39 -18.47 10.74 -20.80
N ASN A 40 -18.99 11.72 -21.55
CA ASN A 40 -18.72 11.74 -22.98
C ASN A 40 -17.23 11.93 -23.23
N MET A 41 -16.57 12.79 -22.46
CA MET A 41 -15.13 12.96 -22.60
C MET A 41 -14.38 11.66 -22.30
N ILE A 42 -14.79 10.96 -21.24
CA ILE A 42 -14.13 9.69 -20.89
C ILE A 42 -14.25 8.68 -22.02
N VAL A 43 -15.46 8.54 -22.56
CA VAL A 43 -15.67 7.50 -23.57
C VAL A 43 -14.99 7.86 -24.87
N ASN A 44 -15.10 9.12 -25.30
CA ASN A 44 -14.69 9.49 -26.65
C ASN A 44 -13.31 10.14 -26.71
N GLN A 45 -12.83 10.75 -25.65
CA GLN A 45 -11.56 11.49 -25.72
C GLN A 45 -10.40 10.87 -24.95
N VAL A 46 -10.61 10.45 -23.70
CA VAL A 46 -9.47 10.13 -22.83
C VAL A 46 -8.68 8.95 -23.40
N LYS A 47 -7.37 9.17 -23.62
CA LYS A 47 -6.51 8.15 -24.22
C LYS A 47 -6.07 7.11 -23.19
N SER A 48 -5.96 7.51 -21.92
CA SER A 48 -5.24 6.73 -20.92
C SER A 48 -6.17 5.89 -20.06
N LEU A 49 -7.27 5.41 -20.63
CA LEU A 49 -8.15 4.48 -19.95
C LEU A 49 -8.32 3.25 -20.85
N PRO A 50 -8.36 2.06 -20.28
CA PRO A 50 -8.51 0.86 -21.14
C PRO A 50 -9.90 0.82 -21.77
N GLU A 51 -9.99 0.26 -22.97
CA GLU A 51 -11.26 0.26 -23.68
C GLU A 51 -12.40 -0.35 -22.88
N SER A 52 -12.11 -1.37 -22.09
CA SER A 52 -13.15 -2.03 -21.33
C SER A 52 -13.79 -1.08 -20.33
N PHE A 53 -12.99 -0.26 -19.67
CA PHE A 53 -13.54 0.73 -18.75
C PHE A 53 -14.39 1.76 -19.47
N LYS A 54 -13.94 2.21 -20.63
CA LYS A 54 -14.72 3.17 -21.41
C LYS A 54 -16.05 2.57 -21.83
N ARG A 55 -16.04 1.30 -22.21
CA ARG A 55 -17.27 0.60 -22.56
C ARG A 55 -18.20 0.48 -21.37
N TRP A 56 -17.64 0.25 -20.19
CA TRP A 56 -18.44 0.18 -18.98
C TRP A 56 -19.12 1.49 -18.74
N VAL A 57 -18.40 2.59 -18.93
CA VAL A 57 -18.98 3.91 -18.73
C VAL A 57 -20.11 4.12 -19.72
N ALA A 58 -19.91 3.72 -20.97
CA ALA A 58 -20.96 3.83 -21.97
C ALA A 58 -22.17 2.95 -21.63
N ASN A 59 -21.93 1.75 -21.12
CA ASN A 59 -23.02 0.86 -20.74
C ASN A 59 -23.85 1.44 -19.61
N ASN A 60 -23.19 2.05 -18.63
CA ASN A 60 -23.91 2.54 -17.48
C ASN A 60 -24.40 3.97 -17.63
N HIS A 61 -23.49 4.90 -17.88
CA HIS A 61 -23.86 6.30 -17.98
C HIS A 61 -24.32 6.72 -19.36
N GLY A 62 -23.77 6.11 -20.41
CA GLY A 62 -24.23 6.30 -21.78
C GLY A 62 -23.96 7.65 -22.39
N ASP A 63 -22.72 8.10 -22.40
CA ASP A 63 -22.31 9.28 -23.17
C ASP A 63 -23.19 10.52 -22.93
N SER A 64 -23.47 10.79 -21.65
CA SER A 64 -24.15 12.02 -21.28
C SER A 64 -23.13 13.12 -21.05
N GLU A 65 -23.42 14.31 -21.55
CA GLU A 65 -22.61 15.47 -21.19
C GLU A 65 -22.79 15.82 -19.72
N THR A 66 -24.02 15.72 -19.23
CA THR A 66 -24.32 16.15 -17.87
C THR A 66 -23.66 15.23 -16.83
N ASP A 67 -23.56 13.94 -17.13
CA ASP A 67 -23.04 13.00 -16.15
C ASP A 67 -21.54 13.17 -15.98
N ARG A 68 -21.09 13.24 -14.74
CA ARG A 68 -19.68 13.43 -14.44
C ARG A 68 -19.20 12.33 -13.50
N ILE A 69 -17.91 12.06 -13.58
CA ILE A 69 -17.24 11.00 -12.82
C ILE A 69 -16.04 11.61 -12.13
N LYS A 70 -15.90 11.34 -10.83
CA LYS A 70 -14.81 11.90 -10.05
C LYS A 70 -13.58 10.99 -10.16
N PHE A 71 -12.43 11.59 -10.44
CA PHE A 71 -11.14 10.93 -10.38
C PHE A 71 -10.38 11.53 -9.20
N THR A 72 -10.03 10.69 -8.23
CA THR A 72 -9.43 11.15 -6.99
C THR A 72 -8.00 11.63 -7.17
N ALA A 73 -7.60 12.55 -6.29
CA ALA A 73 -6.21 12.95 -6.14
C ALA A 73 -5.37 11.75 -5.72
N TYR A 74 -4.08 11.78 -6.03
CA TYR A 74 -3.24 10.68 -5.56
C TYR A 74 -1.78 11.10 -5.57
N LEU A 75 -0.95 10.30 -4.92
CA LEU A 75 0.47 10.59 -4.80
C LEU A 75 1.27 9.90 -5.91
N CYS A 76 2.30 10.58 -6.38
CA CYS A 76 3.19 10.12 -7.42
C CYS A 76 4.61 10.31 -6.94
N MET A 77 5.51 9.44 -7.41
CA MET A 77 6.92 9.58 -7.11
C MET A 77 7.71 9.85 -8.38
N LYS A 78 8.58 10.85 -8.33
CA LYS A 78 9.69 10.95 -9.28
C LYS A 78 10.77 10.04 -8.74
N ALA A 79 10.89 8.86 -9.36
CA ALA A 79 11.76 7.81 -8.88
C ALA A 79 13.21 8.12 -9.27
N ALA A 80 14.13 7.24 -8.87
CA ALA A 80 15.56 7.54 -9.04
C ALA A 80 15.94 7.57 -10.51
N ASP A 81 15.43 6.62 -11.30
CA ASP A 81 15.73 6.52 -12.73
C ASP A 81 14.98 7.57 -13.56
N GLY A 82 14.32 8.54 -12.93
CA GLY A 82 13.68 9.62 -13.66
C GLY A 82 12.24 9.38 -14.06
N THR A 83 11.75 8.15 -14.00
CA THR A 83 10.38 7.91 -14.40
C THR A 83 9.42 8.37 -13.31
N ILE A 84 8.16 8.59 -13.71
CA ILE A 84 7.11 9.04 -12.80
C ILE A 84 6.27 7.83 -12.45
N VAL A 85 6.34 7.42 -11.18
CA VAL A 85 5.54 6.32 -10.66
C VAL A 85 4.20 6.86 -10.21
N ASN A 86 3.14 6.54 -10.92
CA ASN A 86 1.82 6.95 -10.48
C ASN A 86 1.38 6.03 -9.34
N GLY A 87 0.53 6.53 -8.45
CA GLY A 87 0.01 5.71 -7.36
C GLY A 87 1.00 5.28 -6.30
N TRP A 88 1.82 6.21 -5.82
CA TRP A 88 2.82 5.90 -4.80
C TRP A 88 2.25 5.45 -3.49
N LEU A 89 2.92 4.50 -2.85
CA LEU A 89 2.46 3.97 -1.57
C LEU A 89 3.36 4.32 -0.42
N ALA A 90 2.77 4.66 0.72
CA ALA A 90 3.58 4.90 1.89
C ALA A 90 3.76 3.57 2.59
N SER A 91 5.00 3.21 2.87
CA SER A 91 5.25 1.97 3.59
C SER A 91 5.05 2.23 5.07
N GLN A 92 5.07 1.17 5.88
CA GLN A 92 4.96 1.39 7.32
C GLN A 92 6.10 2.29 7.79
N THR A 93 7.32 1.99 7.31
CA THR A 93 8.47 2.85 7.56
C THR A 93 8.13 4.30 7.25
N ASP A 94 7.63 4.57 6.03
CA ASP A 94 7.34 5.93 5.59
C ASP A 94 6.29 6.58 6.47
N MET A 95 5.18 5.88 6.74
CA MET A 95 4.12 6.46 7.54
C MET A 95 4.65 6.90 8.90
N LEU A 96 5.42 6.03 9.57
CA LEU A 96 5.79 6.26 10.96
C LEU A 96 7.12 7.01 11.11
N ALA A 97 7.65 7.58 10.03
CA ALA A 97 8.95 8.23 10.08
C ALA A 97 8.80 9.73 10.35
N ASN A 98 9.90 10.34 10.79
CA ASN A 98 9.92 11.78 11.04
C ASN A 98 11.14 12.44 10.38
N ASP A 99 11.62 11.82 9.30
CA ASP A 99 12.72 12.36 8.51
C ASP A 99 12.24 12.94 7.19
N TRP A 100 11.00 13.42 7.15
CA TRP A 100 10.45 14.03 5.95
C TRP A 100 10.92 15.47 5.81
N VAL A 101 11.18 15.93 4.59
CA VAL A 101 11.59 17.31 4.32
C VAL A 101 10.87 17.79 3.08
N ILE A 102 10.97 19.08 2.75
CA ILE A 102 10.35 19.60 1.54
C ILE A 102 11.37 19.94 0.47
N VAL A 103 11.33 19.24 -0.66
CA VAL A 103 12.22 19.56 -1.77
C VAL A 103 11.94 20.91 -2.40
N GLU A 104 10.66 21.20 -2.64
CA GLU A 104 10.29 22.44 -3.32
C GLU A 104 8.85 22.78 -3.03
N SER B 1 13.02 -15.67 -13.51
CA SER B 1 12.17 -14.47 -13.53
C SER B 1 10.70 -14.89 -13.44
N MET B 2 10.01 -14.35 -12.45
CA MET B 2 8.61 -14.66 -12.23
C MET B 2 7.80 -13.37 -12.18
N THR B 3 6.50 -13.54 -12.41
CA THR B 3 5.55 -12.46 -12.16
C THR B 3 5.27 -12.36 -10.66
N PHE B 4 4.62 -11.25 -10.30
CA PHE B 4 4.26 -11.05 -8.91
C PHE B 4 3.25 -12.10 -8.46
N GLY B 5 2.40 -12.57 -9.38
CA GLY B 5 1.48 -13.65 -9.03
C GLY B 5 2.20 -14.94 -8.66
N GLN B 6 3.19 -15.33 -9.48
CA GLN B 6 4.01 -16.50 -9.15
C GLN B 6 4.80 -16.28 -7.87
N ALA B 7 5.36 -15.09 -7.69
CA ALA B 7 6.01 -14.78 -6.43
C ALA B 7 5.06 -15.01 -5.26
N LEU B 8 3.79 -14.63 -5.42
CA LEU B 8 2.83 -14.74 -4.32
C LEU B 8 2.56 -16.21 -4.01
N GLU B 9 2.36 -17.03 -5.05
CA GLU B 9 2.15 -18.45 -4.80
C GLU B 9 3.37 -19.05 -4.11
N SER B 10 4.57 -18.64 -4.51
CA SER B 10 5.75 -19.10 -3.81
C SER B 10 5.80 -18.61 -2.36
N LEU B 11 5.27 -17.41 -2.10
CA LEU B 11 5.21 -16.90 -0.72
C LEU B 11 4.25 -17.71 0.13
N LYS B 12 3.13 -18.12 -0.44
CA LYS B 12 2.14 -18.87 0.33
C LYS B 12 2.67 -20.23 0.76
N ARG B 13 3.69 -20.77 0.07
CA ARG B 13 4.29 -22.04 0.45
C ARG B 13 5.53 -21.88 1.31
N GLY B 14 5.84 -20.64 1.74
CA GLY B 14 6.88 -20.42 2.69
C GLY B 14 8.23 -20.03 2.13
N HIS B 15 8.33 -19.61 0.86
CA HIS B 15 9.62 -19.28 0.29
C HIS B 15 9.96 -17.80 0.45
N LEU B 16 11.26 -17.52 0.43
CA LEU B 16 11.77 -16.16 0.38
C LEU B 16 11.91 -15.74 -1.07
N VAL B 17 11.30 -14.59 -1.44
CA VAL B 17 11.33 -14.08 -2.81
C VAL B 17 11.88 -12.66 -2.81
N ALA B 18 12.31 -12.21 -3.98
CA ALA B 18 12.88 -10.87 -4.15
C ALA B 18 12.81 -10.49 -5.62
N ARG B 19 12.96 -9.20 -5.89
CA ARG B 19 13.17 -8.78 -7.26
C ARG B 19 14.67 -8.70 -7.55
N LYS B 20 15.04 -8.88 -8.82
CA LYS B 20 16.47 -8.99 -9.15
C LYS B 20 17.27 -7.76 -8.73
N GLY B 21 16.69 -6.57 -8.92
CA GLY B 21 17.34 -5.35 -8.47
C GLY B 21 17.67 -5.35 -6.98
N TRP B 22 16.81 -5.95 -6.16
CA TRP B 22 17.01 -5.98 -4.71
C TRP B 22 18.29 -6.69 -4.29
N ASN B 23 18.89 -7.49 -5.18
CA ASN B 23 19.97 -8.40 -4.77
C ASN B 23 21.17 -7.63 -4.21
N GLY B 24 21.56 -6.52 -4.84
CA GLY B 24 22.68 -5.74 -4.33
C GLY B 24 22.47 -5.28 -2.90
N LYS B 25 21.22 -4.92 -2.56
CA LYS B 25 20.86 -4.56 -1.19
C LYS B 25 20.61 -5.78 -0.31
N GLY B 26 20.30 -6.93 -0.91
CA GLY B 26 20.09 -8.15 -0.14
C GLY B 26 18.70 -8.32 0.46
N MET B 27 17.70 -7.62 -0.07
CA MET B 27 16.37 -7.58 0.52
C MET B 27 15.54 -8.79 0.08
N PHE B 28 14.59 -9.19 0.90
CA PHE B 28 13.67 -10.22 0.43
C PHE B 28 12.39 -10.13 1.22
N ILE B 29 11.35 -10.77 0.72
CA ILE B 29 10.09 -10.75 1.45
C ILE B 29 9.65 -12.19 1.73
N PHE B 30 8.81 -12.34 2.76
CA PHE B 30 8.27 -13.63 3.17
C PHE B 30 6.92 -13.42 3.84
N MET B 31 6.18 -14.51 4.05
CA MET B 31 4.85 -14.46 4.64
C MET B 31 4.88 -14.94 6.09
N ARG B 32 4.38 -14.12 7.00
CA ARG B 32 4.09 -14.65 8.32
C ARG B 32 2.69 -15.25 8.32
N PRO B 33 2.53 -16.44 8.90
CA PRO B 33 1.26 -17.17 8.79
C PRO B 33 0.18 -16.62 9.71
N GLU B 34 -1.06 -16.96 9.37
CA GLU B 34 -2.20 -16.50 10.13
C GLU B 34 -2.32 -17.36 11.40
N ASP B 35 -3.11 -16.90 12.36
CA ASP B 35 -3.29 -17.70 13.58
C ASP B 35 -4.43 -17.12 14.41
N SER B 36 -5.19 -17.99 15.05
CA SER B 36 -6.26 -17.60 15.96
C SER B 36 -5.72 -17.65 17.39
N LEU B 37 -6.04 -16.62 18.18
CA LEU B 37 -5.58 -16.48 19.55
C LEU B 37 -6.76 -16.34 20.50
N PRO B 38 -6.74 -17.05 21.64
CA PRO B 38 -7.79 -16.85 22.64
C PRO B 38 -7.68 -15.48 23.29
N THR B 39 -8.83 -14.89 23.59
CA THR B 39 -8.82 -13.51 24.06
C THR B 39 -8.17 -13.37 25.41
N ASN B 40 -8.24 -14.39 26.27
CA ASN B 40 -7.53 -14.28 27.54
C ASN B 40 -6.02 -14.20 27.30
N MET B 41 -5.50 -14.96 26.33
CA MET B 41 -4.09 -14.85 25.98
C MET B 41 -3.76 -13.44 25.46
N ILE B 42 -4.62 -12.89 24.61
CA ILE B 42 -4.40 -11.54 24.07
C ILE B 42 -4.36 -10.52 25.19
N VAL B 43 -5.36 -10.56 26.07
CA VAL B 43 -5.48 -9.56 27.12
C VAL B 43 -4.35 -9.69 28.12
N ASN B 44 -4.03 -10.92 28.53
CA ASN B 44 -3.17 -11.13 29.69
C ASN B 44 -1.71 -11.41 29.34
N GLN B 45 -1.42 -11.83 28.12
CA GLN B 45 -0.10 -12.39 27.86
C GLN B 45 0.66 -11.70 26.73
N VAL B 46 -0.01 -11.45 25.60
CA VAL B 46 0.69 -10.92 24.43
C VAL B 46 1.34 -9.58 24.77
N LYS B 47 2.64 -9.48 24.48
CA LYS B 47 3.42 -8.28 24.73
C LYS B 47 3.35 -7.27 23.59
N SER B 48 3.09 -7.72 22.36
CA SER B 48 3.20 -6.86 21.19
C SER B 48 1.88 -6.24 20.77
N LEU B 49 0.99 -5.95 21.73
CA LEU B 49 -0.24 -5.24 21.44
C LEU B 49 -0.41 -4.09 22.42
N PRO B 50 -1.01 -2.99 21.99
CA PRO B 50 -1.16 -1.83 22.88
C PRO B 50 -2.31 -2.01 23.87
N GLU B 51 -2.21 -1.25 24.97
CA GLU B 51 -3.17 -1.41 26.07
C GLU B 51 -4.59 -1.21 25.59
N SER B 52 -4.82 -0.18 24.75
CA SER B 52 -6.18 0.12 24.32
C SER B 52 -6.78 -1.04 23.54
N PHE B 53 -5.97 -1.75 22.77
CA PHE B 53 -6.54 -2.86 22.01
C PHE B 53 -6.90 -4.03 22.92
N LYS B 54 -6.05 -4.31 23.90
CA LYS B 54 -6.33 -5.34 24.88
C LYS B 54 -7.63 -5.03 25.62
N ARG B 55 -7.84 -3.76 25.97
CA ARG B 55 -9.08 -3.33 26.61
C ARG B 55 -10.27 -3.50 25.68
N TRP B 56 -10.13 -3.12 24.41
CA TRP B 56 -11.23 -3.31 23.49
C TRP B 56 -11.60 -4.78 23.40
N VAL B 57 -10.60 -5.65 23.35
CA VAL B 57 -10.85 -7.10 23.24
C VAL B 57 -11.54 -7.63 24.48
N ALA B 58 -11.08 -7.20 25.66
CA ALA B 58 -11.76 -7.58 26.90
C ALA B 58 -13.23 -7.17 26.85
N ASN B 59 -13.48 -5.90 26.55
CA ASN B 59 -14.85 -5.41 26.58
C ASN B 59 -15.77 -6.03 25.52
N ASN B 60 -15.21 -6.49 24.42
CA ASN B 60 -16.03 -7.06 23.36
C ASN B 60 -16.08 -8.59 23.31
N HIS B 61 -15.19 -9.27 24.03
CA HIS B 61 -15.23 -10.72 24.07
C HIS B 61 -15.38 -11.27 25.46
N GLY B 62 -14.99 -10.49 26.47
CA GLY B 62 -15.13 -10.91 27.86
C GLY B 62 -14.04 -11.77 28.46
N ASP B 63 -13.00 -12.11 27.69
CA ASP B 63 -11.91 -13.00 28.17
C ASP B 63 -12.50 -14.30 28.63
N SER B 64 -13.56 -14.75 27.96
CA SER B 64 -14.28 -15.93 28.38
C SER B 64 -14.99 -16.43 27.16
N GLU B 65 -15.64 -17.58 27.24
CA GLU B 65 -16.41 -18.17 26.14
C GLU B 65 -15.46 -18.74 25.09
N THR B 66 -14.18 -18.87 25.44
CA THR B 66 -13.18 -19.43 24.52
C THR B 66 -13.18 -18.71 23.18
N ASP B 67 -13.32 -17.39 23.22
CA ASP B 67 -13.39 -16.64 21.98
C ASP B 67 -12.02 -16.60 21.33
N ARG B 68 -11.99 -16.82 20.02
CA ARG B 68 -10.73 -16.83 19.31
C ARG B 68 -10.71 -15.69 18.32
N ILE B 69 -9.66 -14.88 18.36
CA ILE B 69 -9.54 -13.79 17.41
C ILE B 69 -8.48 -14.12 16.38
N LYS B 70 -8.84 -14.01 15.11
CA LYS B 70 -7.91 -14.33 14.04
C LYS B 70 -6.96 -13.16 13.75
N PHE B 71 -5.69 -13.49 13.55
CA PHE B 71 -4.70 -12.56 13.03
C PHE B 71 -4.28 -13.06 11.65
N THR B 72 -4.52 -12.23 10.64
CA THR B 72 -4.31 -12.66 9.26
C THR B 72 -2.84 -12.88 8.96
N ALA B 73 -2.59 -13.69 7.93
CA ALA B 73 -1.27 -13.80 7.32
C ALA B 73 -0.87 -12.45 6.74
N TYR B 74 0.43 -12.22 6.61
CA TYR B 74 0.84 -10.98 5.97
C TYR B 74 2.30 -11.05 5.58
N LEU B 75 2.68 -10.19 4.63
CA LEU B 75 4.03 -10.15 4.12
C LEU B 75 4.91 -9.23 4.95
N CYS B 76 6.18 -9.61 5.05
CA CYS B 76 7.23 -8.87 5.73
C CYS B 76 8.43 -8.84 4.83
N MET B 77 9.34 -7.92 5.11
CA MET B 77 10.56 -7.78 4.33
C MET B 77 11.78 -7.76 5.22
N LYS B 78 12.79 -8.53 4.85
CA LYS B 78 14.13 -8.33 5.40
C LYS B 78 14.80 -7.25 4.56
N ALA B 79 14.98 -6.09 5.18
CA ALA B 79 15.38 -4.89 4.47
C ALA B 79 16.90 -4.77 4.42
N ALA B 80 17.36 -3.79 3.66
CA ALA B 80 18.78 -3.57 3.45
C ALA B 80 19.54 -3.50 4.77
N ASP B 81 19.05 -2.69 5.73
CA ASP B 81 19.74 -2.48 7.00
C ASP B 81 19.60 -3.65 7.98
N GLY B 82 19.06 -4.81 7.62
CA GLY B 82 18.96 -5.95 8.50
C GLY B 82 17.66 -6.05 9.27
N THR B 83 16.96 -4.94 9.51
CA THR B 83 15.76 -5.05 10.32
C THR B 83 14.64 -5.69 9.52
N ILE B 84 13.65 -6.23 10.23
CA ILE B 84 12.51 -6.91 9.62
C ILE B 84 11.34 -5.95 9.63
N VAL B 85 10.89 -5.56 8.44
CA VAL B 85 9.75 -4.67 8.27
C VAL B 85 8.49 -5.51 8.26
N ASN B 86 7.66 -5.36 9.27
CA ASN B 86 6.37 -6.02 9.29
C ASN B 86 5.40 -5.26 8.40
N GLY B 87 4.62 -6.00 7.61
CA GLY B 87 3.56 -5.35 6.87
C GLY B 87 4.06 -4.73 5.58
N TRP B 88 4.86 -5.49 4.84
CA TRP B 88 5.39 -5.01 3.58
C TRP B 88 4.29 -4.85 2.59
N LEU B 89 4.32 -3.74 1.87
CA LEU B 89 3.31 -3.49 0.88
C LEU B 89 3.92 -3.36 -0.51
N ALA B 90 3.29 -3.98 -1.49
CA ALA B 90 3.81 -3.94 -2.85
C ALA B 90 3.49 -2.67 -3.58
N SER B 91 4.48 -2.02 -4.20
CA SER B 91 4.14 -0.86 -5.02
C SER B 91 3.44 -1.30 -6.32
N GLN B 92 2.90 -0.32 -7.07
CA GLN B 92 2.41 -0.59 -8.42
C GLN B 92 3.47 -1.27 -9.27
N THR B 93 4.70 -0.76 -9.19
CA THR B 93 5.85 -1.35 -9.85
C THR B 93 6.07 -2.80 -9.45
N ASP B 94 6.06 -3.07 -8.15
CA ASP B 94 6.21 -4.45 -7.68
C ASP B 94 5.15 -5.35 -8.30
N MET B 95 3.88 -4.96 -8.18
CA MET B 95 2.77 -5.81 -8.64
C MET B 95 2.86 -6.12 -10.12
N LEU B 96 3.29 -5.14 -10.93
CA LEU B 96 3.27 -5.30 -12.38
C LEU B 96 4.58 -5.82 -12.96
N ALA B 97 5.60 -6.02 -12.12
CA ALA B 97 6.88 -6.47 -12.61
C ALA B 97 6.91 -7.97 -12.83
N ASN B 98 7.80 -8.41 -13.70
CA ASN B 98 8.03 -9.84 -13.85
C ASN B 98 9.51 -10.16 -13.70
N ASP B 99 10.19 -9.49 -12.76
CA ASP B 99 11.58 -9.79 -12.45
C ASP B 99 11.73 -10.37 -11.04
N TRP B 100 10.74 -11.14 -10.60
CA TRP B 100 10.75 -11.76 -9.28
C TRP B 100 11.52 -13.07 -9.32
N VAL B 101 12.31 -13.33 -8.28
CA VAL B 101 13.10 -14.54 -8.15
C VAL B 101 12.87 -15.14 -6.76
N ILE B 102 13.05 -16.45 -6.68
CA ILE B 102 13.04 -17.16 -5.40
C ILE B 102 14.45 -17.10 -4.82
N VAL B 103 14.55 -16.71 -3.55
CA VAL B 103 15.82 -16.60 -2.87
C VAL B 103 16.08 -17.81 -2.00
N GLU B 104 15.06 -18.26 -1.29
CA GLU B 104 15.19 -19.55 -0.60
C GLU B 104 13.89 -20.35 -0.68
N SER C 1 -13.21 15.07 13.68
CA SER C 1 -12.46 14.86 12.45
C SER C 1 -11.03 15.40 12.59
N MET C 2 -10.06 14.61 12.12
CA MET C 2 -8.65 14.96 12.11
C MET C 2 -8.05 14.54 10.77
N THR C 3 -6.83 14.97 10.52
CA THR C 3 -6.13 14.51 9.32
C THR C 3 -5.51 13.13 9.58
N PHE C 4 -5.05 12.48 8.50
CA PHE C 4 -4.35 11.21 8.67
C PHE C 4 -3.06 11.41 9.45
N GLY C 5 -2.41 12.56 9.27
CA GLY C 5 -1.24 12.87 10.08
C GLY C 5 -1.54 12.92 11.57
N GLN C 6 -2.68 13.51 11.95
CA GLN C 6 -3.04 13.55 13.36
C GLN C 6 -3.46 12.16 13.87
N ALA C 7 -4.12 11.38 13.02
CA ALA C 7 -4.46 10.00 13.38
C ALA C 7 -3.20 9.18 13.62
N LEU C 8 -2.19 9.37 12.78
CA LEU C 8 -0.90 8.69 12.96
C LEU C 8 -0.26 9.10 14.28
N GLU C 9 -0.28 10.40 14.60
CA GLU C 9 0.30 10.80 15.88
C GLU C 9 -0.47 10.17 17.04
N SER C 10 -1.79 9.99 16.91
CA SER C 10 -2.50 9.26 17.95
C SER C 10 -2.07 7.80 18.00
N LEU C 11 -1.88 7.18 16.83
CA LEU C 11 -1.52 5.76 16.75
C LEU C 11 -0.19 5.52 17.43
N LYS C 12 0.74 6.45 17.27
CA LYS C 12 2.05 6.31 17.89
C LYS C 12 1.91 6.37 19.41
N ARG C 13 0.84 6.98 19.89
CA ARG C 13 0.62 7.10 21.32
C ARG C 13 -0.19 5.95 21.92
N GLY C 14 -0.64 5.01 21.09
CA GLY C 14 -1.34 3.85 21.60
C GLY C 14 -2.83 3.89 21.39
N HIS C 15 -3.32 4.88 20.66
CA HIS C 15 -4.75 5.03 20.42
C HIS C 15 -5.37 4.24 19.31
N LEU C 16 -6.63 3.88 19.46
CA LEU C 16 -7.35 3.22 18.38
C LEU C 16 -8.00 4.33 17.58
N VAL C 17 -7.91 4.29 16.24
CA VAL C 17 -8.47 5.33 15.38
C VAL C 17 -9.23 4.71 14.21
N ALA C 18 -10.16 5.48 13.65
CA ALA C 18 -10.95 5.01 12.52
C ALA C 18 -11.39 6.17 11.65
N ARG C 19 -12.07 5.87 10.56
CA ARG C 19 -12.62 6.91 9.71
C ARG C 19 -14.12 6.81 9.73
N LYS C 20 -14.82 7.93 9.84
CA LYS C 20 -16.27 7.91 9.80
C LYS C 20 -16.73 7.42 8.44
N GLY C 21 -16.03 7.81 7.39
CA GLY C 21 -16.39 7.43 6.03
C GLY C 21 -16.33 5.96 5.71
N TRP C 22 -15.56 5.19 6.47
CA TRP C 22 -15.41 3.78 6.18
C TRP C 22 -16.76 3.12 6.18
N ASN C 23 -17.02 2.32 5.15
CA ASN C 23 -18.32 1.67 5.01
C ASN C 23 -18.62 0.69 6.13
N GLY C 24 -17.62 -0.12 6.49
CA GLY C 24 -17.81 -1.10 7.54
C GLY C 24 -17.95 -0.46 8.90
N LYS C 25 -18.75 -1.08 9.76
CA LYS C 25 -18.99 -0.52 11.08
C LYS C 25 -18.16 -1.21 12.13
N GLY C 26 -17.55 -0.43 13.01
CA GLY C 26 -16.72 -0.98 14.07
C GLY C 26 -15.28 -1.20 13.66
N MET C 27 -14.95 -0.87 12.43
CA MET C 27 -13.57 -1.00 11.98
C MET C 27 -12.67 0.04 12.61
N PHE C 28 -11.50 -0.37 13.09
CA PHE C 28 -10.54 0.58 13.63
C PHE C 28 -9.13 0.13 13.35
N ILE C 29 -8.17 1.04 13.46
CA ILE C 29 -6.77 0.65 13.28
C ILE C 29 -5.92 0.95 14.51
N PHE C 30 -4.89 0.14 14.73
CA PHE C 30 -4.01 0.32 15.88
C PHE C 30 -2.58 0.02 15.47
N MET C 31 -1.61 0.48 16.25
CA MET C 31 -0.22 0.21 15.95
C MET C 31 0.36 -0.86 16.86
N ARG C 32 1.10 -1.81 16.31
CA ARG C 32 1.76 -2.80 17.13
C ARG C 32 3.19 -2.33 17.28
N PRO C 33 3.73 -2.30 18.54
CA PRO C 33 5.08 -1.70 18.63
C PRO C 33 6.30 -2.46 18.13
N GLU C 34 7.41 -1.75 17.98
CA GLU C 34 8.66 -2.37 17.55
C GLU C 34 9.28 -3.21 18.67
N ASP C 35 9.93 -4.31 18.31
CA ASP C 35 10.62 -5.13 19.30
C ASP C 35 11.90 -5.68 18.71
N SER C 36 12.96 -5.79 19.51
CA SER C 36 14.19 -6.38 19.00
C SER C 36 14.25 -7.76 19.60
N LEU C 37 14.46 -8.77 18.77
CA LEU C 37 14.44 -10.14 19.27
C LEU C 37 15.78 -10.81 19.06
N PRO C 38 16.26 -11.54 20.08
CA PRO C 38 17.52 -12.28 19.93
C PRO C 38 17.43 -13.35 18.86
N THR C 39 18.52 -13.55 18.12
CA THR C 39 18.51 -14.51 17.01
C THR C 39 18.24 -15.93 17.41
N ASN C 40 18.73 -16.35 18.58
CA ASN C 40 18.42 -17.68 19.06
C ASN C 40 16.94 -17.87 19.31
N MET C 41 16.30 -16.85 19.86
CA MET C 41 14.87 -16.93 20.08
C MET C 41 14.16 -17.00 18.73
N ILE C 42 14.61 -16.22 17.77
CA ILE C 42 13.94 -16.20 16.48
C ILE C 42 14.00 -17.58 15.84
N VAL C 43 15.17 -18.20 15.86
CA VAL C 43 15.32 -19.52 15.27
C VAL C 43 14.58 -20.63 16.01
N ASN C 44 14.65 -20.64 17.34
CA ASN C 44 14.04 -21.73 18.07
C ASN C 44 12.68 -21.45 18.69
N GLN C 45 12.59 -20.41 19.49
CA GLN C 45 11.33 -20.08 20.17
C GLN C 45 10.15 -19.58 19.34
N VAL C 46 10.40 -18.69 18.39
CA VAL C 46 9.28 -18.07 17.66
C VAL C 46 8.57 -18.99 16.68
N LYS C 47 7.25 -19.11 16.84
CA LYS C 47 6.46 -19.97 15.96
C LYS C 47 5.76 -19.21 14.85
N SER C 48 5.89 -17.90 14.83
CA SER C 48 5.19 -17.08 13.83
C SER C 48 6.06 -16.72 12.65
N LEU C 49 7.22 -17.34 12.55
CA LEU C 49 8.11 -17.08 11.43
C LEU C 49 8.28 -18.36 10.63
N PRO C 50 8.33 -18.24 9.29
CA PRO C 50 8.49 -19.43 8.44
C PRO C 50 9.84 -20.09 8.58
N GLU C 51 9.91 -21.38 8.28
CA GLU C 51 11.15 -22.13 8.46
C GLU C 51 12.30 -21.59 7.62
N SER C 52 12.00 -21.18 6.39
CA SER C 52 13.03 -20.64 5.53
C SER C 52 13.68 -19.39 6.12
N PHE C 53 12.87 -18.50 6.69
CA PHE C 53 13.43 -17.32 7.33
C PHE C 53 14.27 -17.67 8.54
N LYS C 54 13.80 -18.59 9.36
CA LYS C 54 14.55 -19.00 10.53
C LYS C 54 15.86 -19.66 10.12
N ARG C 55 15.84 -20.45 9.06
CA ARG C 55 17.05 -21.06 8.55
C ARG C 55 18.02 -19.98 8.09
N TRP C 56 17.51 -18.95 7.43
CA TRP C 56 18.35 -17.87 6.97
C TRP C 56 19.00 -17.17 8.14
N VAL C 57 18.25 -16.91 9.20
CA VAL C 57 18.80 -16.26 10.37
C VAL C 57 19.89 -17.13 10.98
N ALA C 58 19.65 -18.43 11.05
CA ALA C 58 20.64 -19.33 11.62
C ALA C 58 21.92 -19.34 10.80
N ASN C 59 21.81 -19.34 9.48
CA ASN C 59 23.00 -19.30 8.66
C ASN C 59 23.78 -18.02 8.85
N ASN C 60 23.09 -16.89 8.85
CA ASN C 60 23.75 -15.61 9.06
C ASN C 60 24.33 -15.33 10.45
N HIS C 61 23.59 -15.65 11.50
CA HIS C 61 24.04 -15.29 12.85
C HIS C 61 24.51 -16.41 13.72
N GLY C 62 24.04 -17.62 13.45
CA GLY C 62 24.48 -18.78 14.22
C GLY C 62 23.97 -18.84 15.64
N ASP C 63 22.92 -18.09 15.96
CA ASP C 63 22.34 -18.07 17.31
C ASP C 63 23.39 -17.74 18.36
N SER C 64 24.26 -16.77 18.07
CA SER C 64 25.36 -16.46 18.97
C SER C 64 25.76 -15.00 18.91
N GLU C 65 26.71 -14.59 19.75
CA GLU C 65 27.24 -13.21 19.74
C GLU C 65 26.23 -12.14 20.12
N THR C 66 25.20 -12.51 20.88
CA THR C 66 24.17 -11.55 21.31
C THR C 66 23.55 -10.79 20.14
N ASP C 67 23.34 -11.47 19.03
CA ASP C 67 22.80 -10.81 17.86
C ASP C 67 21.31 -10.61 18.02
N ARG C 68 20.82 -9.42 17.71
CA ARG C 68 19.40 -9.14 17.81
C ARG C 68 18.87 -8.54 16.51
N ILE C 69 17.68 -8.94 16.10
CA ILE C 69 17.07 -8.39 14.90
C ILE C 69 15.84 -7.58 15.25
N LYS C 70 15.80 -6.33 14.81
CA LYS C 70 14.64 -5.48 15.06
C LYS C 70 13.45 -5.84 14.20
N PHE C 71 12.27 -5.87 14.78
CA PHE C 71 11.06 -6.11 14.01
C PHE C 71 10.35 -4.78 14.11
N THR C 72 10.03 -4.17 12.99
CA THR C 72 9.45 -2.83 13.01
C THR C 72 8.01 -2.68 13.46
N ALA C 73 7.68 -1.48 13.92
CA ALA C 73 6.30 -1.20 14.31
C ALA C 73 5.42 -1.16 13.08
N TYR C 74 4.19 -1.62 13.22
CA TYR C 74 3.28 -1.64 12.08
C TYR C 74 1.82 -1.44 12.42
N LEU C 75 1.07 -0.86 11.51
CA LEU C 75 -0.35 -0.65 11.73
C LEU C 75 -1.15 -1.91 11.47
N CYS C 76 -2.24 -2.09 12.20
CA CYS C 76 -3.11 -3.24 12.01
C CYS C 76 -4.55 -2.79 12.09
N MET C 77 -5.49 -3.50 11.46
CA MET C 77 -6.88 -3.13 11.43
C MET C 77 -7.73 -4.20 12.10
N LYS C 78 -8.59 -3.80 13.02
CA LYS C 78 -9.71 -4.65 13.41
C LYS C 78 -10.82 -4.43 12.39
N ALA C 79 -11.02 -5.44 11.53
CA ALA C 79 -11.90 -5.34 10.38
C ALA C 79 -13.35 -5.57 10.79
N ALA C 80 -14.26 -5.45 9.84
CA ALA C 80 -15.69 -5.51 10.15
C ALA C 80 -16.07 -6.85 10.77
N ASP C 81 -15.53 -7.95 10.25
CA ASP C 81 -15.83 -9.29 10.71
C ASP C 81 -14.99 -9.73 11.91
N GLY C 82 -14.52 -8.79 12.72
CA GLY C 82 -13.74 -9.17 13.89
C GLY C 82 -12.32 -9.67 13.69
N THR C 83 -11.91 -10.03 12.46
CA THR C 83 -10.54 -10.49 12.29
C THR C 83 -9.57 -9.32 12.44
N ILE C 84 -8.34 -9.61 12.85
CA ILE C 84 -7.26 -8.62 12.94
C ILE C 84 -6.39 -8.73 11.70
N VAL C 85 -6.41 -7.70 10.86
CA VAL C 85 -5.59 -7.64 9.66
C VAL C 85 -4.25 -7.05 10.04
N ASN C 86 -3.20 -7.87 10.04
CA ASN C 86 -1.84 -7.39 10.24
C ASN C 86 -1.34 -6.60 9.04
N GLY C 87 -0.69 -5.47 9.27
CA GLY C 87 -0.09 -4.73 8.17
C GLY C 87 -1.07 -3.95 7.34
N TRP C 88 -1.90 -3.14 7.98
CA TRP C 88 -2.87 -2.33 7.28
C TRP C 88 -2.25 -1.31 6.38
N LEU C 89 -2.85 -1.08 5.24
CA LEU C 89 -2.34 -0.09 4.30
C LEU C 89 -3.26 1.10 4.21
N ALA C 90 -2.68 2.27 4.05
CA ALA C 90 -3.50 3.45 3.86
C ALA C 90 -3.69 3.68 2.38
N SER C 91 -4.94 3.74 1.95
CA SER C 91 -5.24 4.04 0.56
C SER C 91 -5.02 5.52 0.29
N GLN C 92 -4.91 5.90 -0.97
CA GLN C 92 -4.78 7.33 -1.29
C GLN C 92 -5.89 8.11 -0.59
N THR C 93 -7.13 7.63 -0.67
CA THR C 93 -8.25 8.28 -0.02
C THR C 93 -8.02 8.38 1.49
N ASP C 94 -7.54 7.29 2.10
CA ASP C 94 -7.25 7.31 3.53
C ASP C 94 -6.17 8.34 3.86
N MET C 95 -5.07 8.31 3.13
CA MET C 95 -3.95 9.21 3.41
C MET C 95 -4.35 10.66 3.32
N LEU C 96 -5.27 10.99 2.39
CA LEU C 96 -5.63 12.37 2.07
C LEU C 96 -6.91 12.82 2.77
N ALA C 97 -7.59 11.91 3.47
CA ALA C 97 -8.84 12.21 4.15
C ALA C 97 -8.63 13.07 5.38
N ASN C 98 -9.71 13.69 5.85
CA ASN C 98 -9.67 14.42 7.11
C ASN C 98 -10.88 14.09 7.99
N ASP C 99 -11.47 12.89 7.82
CA ASP C 99 -12.57 12.44 8.66
C ASP C 99 -12.12 11.40 9.69
N TRP C 100 -10.86 11.47 10.14
CA TRP C 100 -10.33 10.53 11.12
C TRP C 100 -10.78 10.92 12.52
N VAL C 101 -11.13 9.91 13.33
CA VAL C 101 -11.48 10.12 14.74
C VAL C 101 -10.84 9.05 15.60
N ILE C 102 -10.66 9.39 16.87
CA ILE C 102 -10.13 8.45 17.84
C ILE C 102 -11.26 7.61 18.42
N VAL C 103 -11.04 6.31 18.45
CA VAL C 103 -12.01 5.37 18.97
C VAL C 103 -11.71 5.01 20.41
N GLU C 104 -10.43 4.88 20.77
CA GLU C 104 -10.06 4.72 22.19
C GLU C 104 -8.67 5.29 22.36
N SER D 1 -13.10 -17.95 -9.32
CA SER D 1 -12.22 -18.04 -8.16
C SER D 1 -10.76 -18.13 -8.59
N MET D 2 -10.18 -16.99 -8.93
CA MET D 2 -8.81 -16.91 -9.43
C MET D 2 -7.92 -16.30 -8.36
N THR D 3 -6.61 -16.50 -8.52
CA THR D 3 -5.63 -15.86 -7.64
C THR D 3 -5.43 -14.40 -8.02
N PHE D 4 -4.86 -13.64 -7.08
CA PHE D 4 -4.50 -12.26 -7.40
C PHE D 4 -3.54 -12.22 -8.57
N GLY D 5 -2.70 -13.25 -8.72
CA GLY D 5 -1.77 -13.28 -9.83
C GLY D 5 -2.46 -13.39 -11.17
N GLN D 6 -3.49 -14.24 -11.24
CA GLN D 6 -4.27 -14.37 -12.47
C GLN D 6 -5.07 -13.11 -12.75
N ALA D 7 -5.66 -12.52 -11.71
CA ALA D 7 -6.30 -11.22 -11.88
C ALA D 7 -5.32 -10.21 -12.46
N LEU D 8 -4.08 -10.20 -11.95
CA LEU D 8 -3.08 -9.26 -12.42
C LEU D 8 -2.76 -9.48 -13.90
N GLU D 9 -2.63 -10.75 -14.31
CA GLU D 9 -2.39 -11.00 -15.74
C GLU D 9 -3.60 -10.60 -16.58
N SER D 10 -4.81 -10.72 -16.03
CA SER D 10 -5.98 -10.20 -16.76
C SER D 10 -5.97 -8.67 -16.83
N LEU D 11 -5.57 -8.00 -15.74
CA LEU D 11 -5.47 -6.54 -15.72
C LEU D 11 -4.43 -6.04 -16.71
N LYS D 12 -3.32 -6.77 -16.90
CA LYS D 12 -2.34 -6.36 -17.89
C LYS D 12 -2.91 -6.42 -19.30
N ARG D 13 -3.89 -7.27 -19.54
CA ARG D 13 -4.55 -7.37 -20.84
C ARG D 13 -5.72 -6.42 -20.99
N GLY D 14 -5.94 -5.53 -20.01
CA GLY D 14 -6.95 -4.52 -20.13
C GLY D 14 -8.31 -4.89 -19.59
N HIS D 15 -8.43 -5.99 -18.86
CA HIS D 15 -9.75 -6.39 -18.36
C HIS D 15 -10.07 -5.71 -17.03
N LEU D 16 -11.35 -5.68 -16.70
CA LEU D 16 -11.83 -5.30 -15.38
C LEU D 16 -11.99 -6.56 -14.52
N VAL D 17 -11.42 -6.53 -13.31
CA VAL D 17 -11.49 -7.65 -12.37
C VAL D 17 -11.99 -7.16 -11.01
N ALA D 18 -12.39 -8.11 -10.16
CA ALA D 18 -12.95 -7.78 -8.84
C ALA D 18 -12.91 -8.95 -7.88
N ARG D 19 -13.30 -8.71 -6.64
CA ARG D 19 -13.34 -9.78 -5.64
C ARG D 19 -14.75 -9.98 -5.14
N LYS D 20 -15.17 -11.23 -4.98
CA LYS D 20 -16.48 -11.49 -4.39
C LYS D 20 -16.53 -10.99 -2.96
N GLY D 21 -15.44 -11.20 -2.22
CA GLY D 21 -15.39 -10.83 -0.81
C GLY D 21 -15.50 -9.39 -0.43
N TRP D 22 -15.24 -8.48 -1.36
CA TRP D 22 -15.25 -7.07 -1.03
C TRP D 22 -16.58 -6.65 -0.46
N ASN D 23 -16.55 -5.89 0.63
CA ASN D 23 -17.79 -5.49 1.31
C ASN D 23 -18.78 -4.62 0.55
N GLY D 24 -18.28 -3.61 -0.16
CA GLY D 24 -19.15 -2.76 -0.96
C GLY D 24 -19.58 -3.49 -2.22
N LYS D 25 -20.59 -3.00 -2.88
CA LYS D 25 -21.09 -3.70 -4.04
C LYS D 25 -20.85 -2.95 -5.35
N GLY D 26 -20.55 -3.68 -6.41
CA GLY D 26 -20.36 -3.09 -7.72
C GLY D 26 -19.01 -2.46 -7.94
N MET D 27 -17.98 -2.86 -7.19
CA MET D 27 -16.65 -2.29 -7.36
C MET D 27 -15.79 -3.18 -8.26
N PHE D 28 -14.82 -2.56 -8.90
CA PHE D 28 -13.86 -3.36 -9.66
C PHE D 28 -12.60 -2.54 -9.84
N ILE D 29 -11.56 -3.19 -10.35
CA ILE D 29 -10.31 -2.50 -10.58
C ILE D 29 -9.90 -2.72 -12.02
N PHE D 30 -9.11 -1.78 -12.53
CA PHE D 30 -8.62 -1.79 -13.90
C PHE D 30 -7.27 -1.12 -13.91
N MET D 31 -6.51 -1.36 -14.98
CA MET D 31 -5.17 -0.82 -15.12
C MET D 31 -5.19 0.36 -16.07
N ARG D 32 -4.59 1.48 -15.65
CA ARG D 32 -4.33 2.51 -16.63
C ARG D 32 -2.93 2.35 -17.19
N PRO D 33 -2.80 2.52 -18.50
CA PRO D 33 -1.58 2.11 -19.19
C PRO D 33 -0.44 3.08 -18.95
N GLU D 34 0.77 2.54 -19.12
CA GLU D 34 1.99 3.32 -19.22
C GLU D 34 2.01 4.23 -20.46
N ASP D 35 2.63 5.40 -20.31
CA ASP D 35 2.80 6.34 -21.42
C ASP D 35 4.14 7.04 -21.27
N SER D 36 4.67 7.56 -22.37
CA SER D 36 5.89 8.37 -22.32
C SER D 36 5.59 9.72 -22.94
N LEU D 37 5.94 10.79 -22.25
CA LEU D 37 5.52 12.13 -22.62
C LEU D 37 6.75 13.04 -22.85
N PRO D 38 6.78 13.79 -23.93
CA PRO D 38 7.88 14.75 -24.11
C PRO D 38 7.82 15.84 -23.05
N THR D 39 8.99 16.30 -22.60
CA THR D 39 9.01 17.22 -21.48
C THR D 39 8.31 18.53 -21.79
N ASN D 40 8.34 18.97 -23.05
CA ASN D 40 7.67 20.23 -23.34
C ASN D 40 6.16 20.12 -23.16
N MET D 41 5.58 18.95 -23.48
CA MET D 41 4.16 18.75 -23.22
C MET D 41 3.88 18.69 -21.72
N ILE D 42 4.79 18.08 -20.96
CA ILE D 42 4.60 18.05 -19.51
C ILE D 42 4.61 19.45 -18.95
N VAL D 43 5.53 20.29 -19.41
CA VAL D 43 5.69 21.62 -18.84
C VAL D 43 4.56 22.53 -19.28
N ASN D 44 4.25 22.54 -20.57
CA ASN D 44 3.38 23.57 -21.13
C ASN D 44 1.95 23.14 -21.35
N GLN D 45 1.64 21.84 -21.31
CA GLN D 45 0.30 21.43 -21.75
C GLN D 45 -0.49 20.59 -20.76
N VAL D 46 0.16 19.73 -19.97
CA VAL D 46 -0.58 18.82 -19.10
C VAL D 46 -1.21 19.60 -17.95
N LYS D 47 -2.53 19.52 -17.80
CA LYS D 47 -3.24 20.26 -16.76
C LYS D 47 -3.21 19.57 -15.39
N SER D 48 -3.01 18.26 -15.34
CA SER D 48 -3.16 17.51 -14.10
C SER D 48 -1.82 17.23 -13.42
N LEU D 49 -0.91 18.20 -13.42
CA LEU D 49 0.29 18.05 -12.63
C LEU D 49 0.49 19.34 -11.85
N PRO D 50 1.04 19.28 -10.64
CA PRO D 50 1.26 20.53 -9.90
C PRO D 50 2.30 21.38 -10.60
N GLU D 51 2.21 22.69 -10.35
CA GLU D 51 3.15 23.62 -10.96
C GLU D 51 4.58 23.40 -10.47
N SER D 52 4.74 22.96 -9.21
CA SER D 52 6.07 22.70 -8.67
C SER D 52 6.79 21.58 -9.44
N PHE D 53 6.05 20.54 -9.85
CA PHE D 53 6.69 19.48 -10.63
C PHE D 53 6.98 19.94 -12.06
N LYS D 54 6.08 20.70 -12.68
CA LYS D 54 6.38 21.30 -13.96
C LYS D 54 7.65 22.14 -13.90
N ARG D 55 7.79 22.93 -12.84
CA ARG D 55 9.00 23.73 -12.62
C ARG D 55 10.23 22.85 -12.53
N TRP D 56 10.17 21.80 -11.69
CA TRP D 56 11.30 20.88 -11.56
C TRP D 56 11.70 20.31 -12.91
N VAL D 57 10.71 19.86 -13.69
CA VAL D 57 10.99 19.27 -14.99
C VAL D 57 11.64 20.28 -15.92
N ALA D 58 11.15 21.52 -15.92
CA ALA D 58 11.75 22.55 -16.77
C ALA D 58 13.20 22.84 -16.36
N ASN D 59 13.48 22.89 -15.06
CA ASN D 59 14.84 23.18 -14.61
C ASN D 59 15.81 22.06 -14.96
N ASN D 60 15.33 20.81 -14.97
CA ASN D 60 16.19 19.67 -15.27
C ASN D 60 16.27 19.32 -16.76
N HIS D 61 15.24 19.59 -17.56
CA HIS D 61 15.23 19.16 -18.95
C HIS D 61 15.14 20.31 -19.96
N GLY D 62 14.91 21.54 -19.52
CA GLY D 62 15.06 22.70 -20.38
C GLY D 62 14.04 22.84 -21.50
N ASP D 63 12.85 22.28 -21.34
CA ASP D 63 11.75 22.38 -22.33
C ASP D 63 12.19 21.91 -23.71
N SER D 64 12.77 20.71 -23.76
CA SER D 64 13.24 20.13 -25.01
C SER D 64 12.29 19.03 -25.48
N GLU D 65 12.02 19.00 -26.78
CA GLU D 65 11.32 17.87 -27.37
C GLU D 65 12.28 16.70 -27.54
N THR D 66 11.71 15.49 -27.67
CA THR D 66 12.44 14.22 -27.71
C THR D 66 13.18 13.93 -26.42
N ASP D 67 13.02 14.80 -25.44
CA ASP D 67 13.34 14.49 -24.05
C ASP D 67 12.03 14.01 -23.46
N ARG D 68 11.95 12.72 -23.16
CA ARG D 68 10.70 12.09 -22.75
C ARG D 68 10.80 11.58 -21.31
N ILE D 69 9.65 11.55 -20.64
CA ILE D 69 9.51 11.06 -19.29
C ILE D 69 8.42 10.01 -19.27
N LYS D 70 8.76 8.82 -18.78
CA LYS D 70 7.80 7.73 -18.66
C LYS D 70 6.92 7.89 -17.43
N PHE D 71 5.63 7.64 -17.62
CA PHE D 71 4.60 7.57 -16.59
C PHE D 71 4.14 6.12 -16.51
N THR D 72 4.30 5.49 -15.33
CA THR D 72 4.06 4.07 -15.21
C THR D 72 2.58 3.72 -15.26
N ALA D 73 2.30 2.50 -15.74
CA ALA D 73 1.01 1.85 -15.52
C ALA D 73 0.66 1.81 -14.04
N TYR D 74 -0.64 1.80 -13.74
CA TYR D 74 -1.06 1.68 -12.34
C TYR D 74 -2.52 1.27 -12.25
N LEU D 75 -2.86 0.67 -11.12
CA LEU D 75 -4.21 0.15 -10.89
C LEU D 75 -5.10 1.23 -10.31
N CYS D 76 -6.36 1.22 -10.74
CA CYS D 76 -7.40 2.11 -10.28
C CYS D 76 -8.61 1.29 -9.90
N MET D 77 -9.41 1.84 -9.00
CA MET D 77 -10.64 1.19 -8.54
C MET D 77 -11.85 2.05 -8.87
N LYS D 78 -12.81 1.48 -9.60
CA LYS D 78 -14.16 2.03 -9.61
C LYS D 78 -14.80 1.61 -8.29
N ALA D 79 -14.94 2.58 -7.39
CA ALA D 79 -15.33 2.36 -6.00
C ALA D 79 -16.85 2.24 -5.89
N ALA D 80 -17.33 1.99 -4.67
CA ALA D 80 -18.76 1.72 -4.49
C ALA D 80 -19.60 2.95 -4.78
N ASP D 81 -19.10 4.14 -4.41
CA ASP D 81 -19.81 5.39 -4.61
C ASP D 81 -19.59 5.98 -5.99
N GLY D 82 -19.01 5.23 -6.92
CA GLY D 82 -18.91 5.66 -8.30
C GLY D 82 -17.70 6.48 -8.66
N THR D 83 -16.89 6.90 -7.69
CA THR D 83 -15.69 7.65 -8.02
C THR D 83 -14.57 6.70 -8.41
N ILE D 84 -13.67 7.18 -9.26
CA ILE D 84 -12.47 6.42 -9.62
C ILE D 84 -11.36 6.77 -8.65
N VAL D 85 -10.91 5.79 -7.87
CA VAL D 85 -9.74 5.94 -7.00
C VAL D 85 -8.50 5.64 -7.83
N ASN D 86 -7.73 6.69 -8.12
CA ASN D 86 -6.42 6.56 -8.76
C ASN D 86 -5.44 5.91 -7.80
N GLY D 87 -4.63 4.99 -8.29
CA GLY D 87 -3.59 4.41 -7.46
C GLY D 87 -4.05 3.43 -6.43
N TRP D 88 -4.98 2.56 -6.79
CA TRP D 88 -5.45 1.54 -5.88
C TRP D 88 -4.34 0.64 -5.50
N LEU D 89 -4.27 0.30 -4.22
CA LEU D 89 -3.23 -0.60 -3.75
C LEU D 89 -3.82 -1.83 -3.08
N ALA D 90 -3.21 -2.98 -3.32
CA ALA D 90 -3.71 -4.22 -2.75
C ALA D 90 -3.38 -4.42 -1.29
N SER D 91 -4.38 -4.79 -0.51
CA SER D 91 -4.16 -5.10 0.90
C SER D 91 -3.59 -6.49 1.03
N GLN D 92 -3.06 -6.83 2.21
CA GLN D 92 -2.58 -8.19 2.43
C GLN D 92 -3.70 -9.17 2.08
N THR D 93 -4.92 -8.89 2.53
CA THR D 93 -6.07 -9.73 2.19
C THR D 93 -6.27 -9.85 0.68
N ASP D 94 -6.16 -8.72 -0.05
CA ASP D 94 -6.39 -8.77 -1.49
C ASP D 94 -5.31 -9.60 -2.18
N MET D 95 -4.04 -9.40 -1.79
CA MET D 95 -2.95 -10.13 -2.42
C MET D 95 -3.07 -11.63 -2.17
N LEU D 96 -3.37 -12.04 -0.93
CA LEU D 96 -3.37 -13.45 -0.57
C LEU D 96 -4.73 -14.13 -0.82
N ALA D 97 -5.69 -13.42 -1.41
CA ALA D 97 -7.03 -13.96 -1.63
C ALA D 97 -7.08 -14.76 -2.93
N ASN D 98 -8.10 -15.63 -3.02
CA ASN D 98 -8.34 -16.44 -4.22
C ASN D 98 -9.77 -16.32 -4.76
N ASP D 99 -10.51 -15.27 -4.38
CA ASP D 99 -11.89 -15.08 -4.83
C ASP D 99 -12.00 -14.06 -5.97
N TRP D 100 -10.99 -13.95 -6.81
CA TRP D 100 -11.02 -12.94 -7.86
C TRP D 100 -11.82 -13.44 -9.06
N VAL D 101 -12.57 -12.53 -9.67
CA VAL D 101 -13.41 -12.82 -10.83
C VAL D 101 -13.20 -11.75 -11.87
N ILE D 102 -13.28 -12.11 -13.14
CA ILE D 102 -13.26 -11.14 -14.23
C ILE D 102 -14.65 -10.53 -14.40
N VAL D 103 -14.75 -9.22 -14.18
CA VAL D 103 -16.00 -8.51 -14.42
C VAL D 103 -16.20 -8.29 -15.92
N GLU D 104 -15.12 -8.06 -16.65
CA GLU D 104 -15.32 -7.77 -18.07
C GLU D 104 -13.99 -7.92 -18.80
#